data_2R77
#
_entry.id   2R77
#
_cell.length_a   54.229
_cell.length_b   54.229
_cell.length_c   69.927
_cell.angle_alpha   90.000
_cell.angle_beta   90.000
_cell.angle_gamma   90.000
#
_symmetry.space_group_name_H-M   'P 41'
#
loop_
_entity.id
_entity.type
_entity.pdbx_description
1 polymer 'Phosphatidylethanolamine-binding protein, putative'
2 water water
#
_entity_poly.entity_id   1
_entity_poly.type   'polypeptide(L)'
_entity_poly.pdbx_seq_one_letter_code
;MHHHHHHSSGRENLYFQGIPTISELKKDRIIPHVFPNDKIDLNVDLFISFKAGKEVNHGNVLDIAGTGSVPRNIKFSEEP
PDGYCFVLFMVDPDYPSRLRPDGKEYIHWVVSGIKTKELIKGTQKNCVTILPYVGPSIKKGTGLHRISFIISLIKEEDKD
NITGLPHYKGEKYITRVKFNNYESVHNIAQINNMKIVGYNWCQIE
;
_entity_poly.pdbx_strand_id   A
#
# COMPACT_ATOMS: atom_id res chain seq x y z
N TYR A 15 -16.99 -4.52 9.66
CA TYR A 15 -15.81 -4.59 8.74
C TYR A 15 -14.64 -3.71 9.18
N PHE A 16 -14.95 -2.55 9.75
CA PHE A 16 -13.93 -1.56 10.06
C PHE A 16 -13.47 -1.63 11.50
N GLN A 17 -12.15 -1.81 11.66
CA GLN A 17 -11.54 -2.12 12.97
C GLN A 17 -11.08 -0.86 13.70
N GLY A 18 -11.12 0.27 13.02
CA GLY A 18 -10.64 1.54 13.55
C GLY A 18 -9.38 1.98 12.83
N ILE A 19 -9.33 3.25 12.44
CA ILE A 19 -8.12 3.85 11.83
C ILE A 19 -6.93 3.69 12.78
N PRO A 20 -5.78 3.18 12.28
CA PRO A 20 -4.67 2.98 13.21
C PRO A 20 -4.18 4.28 13.86
N THR A 21 -3.87 4.20 15.15
CA THR A 21 -3.37 5.36 15.88
C THR A 21 -1.86 5.52 15.67
N ILE A 22 -1.35 6.70 15.97
CA ILE A 22 0.09 6.97 15.97
C ILE A 22 0.84 5.93 16.82
N SER A 23 0.28 5.62 18.00
CA SER A 23 0.85 4.57 18.86
C SER A 23 0.96 3.21 18.16
N GLU A 24 -0.11 2.77 17.51
CA GLU A 24 -0.08 1.51 16.76
C GLU A 24 0.95 1.54 15.62
N LEU A 25 1.03 2.68 14.93
CA LEU A 25 2.00 2.83 13.82
C LEU A 25 3.42 2.77 14.36
N LYS A 26 3.66 3.42 15.49
CA LYS A 26 5.00 3.39 16.09
C LYS A 26 5.38 2.00 16.62
N LYS A 27 4.38 1.24 17.07
CA LYS A 27 4.60 -0.10 17.60
C LYS A 27 5.32 -1.02 16.60
N ASP A 28 4.94 -0.97 15.33
CA ASP A 28 5.63 -1.76 14.31
C ASP A 28 6.63 -0.93 13.51
N ARG A 29 6.96 0.26 14.02
CA ARG A 29 7.88 1.22 13.37
C ARG A 29 7.49 1.70 11.95
N ILE A 30 6.18 1.61 11.67
CA ILE A 30 5.61 2.22 10.48
C ILE A 30 5.98 3.70 10.42
N ILE A 31 5.91 4.38 11.56
CA ILE A 31 6.69 5.61 11.77
C ILE A 31 7.92 5.16 12.57
N PRO A 32 9.15 5.46 12.07
CA PRO A 32 9.51 6.29 10.92
C PRO A 32 9.83 5.56 9.63
N HIS A 33 9.66 4.24 9.59
CA HIS A 33 10.13 3.47 8.44
C HIS A 33 9.39 3.78 7.14
N VAL A 34 8.07 3.90 7.24
CA VAL A 34 7.22 4.09 6.09
C VAL A 34 6.77 5.56 6.02
N PHE A 35 6.25 6.06 7.13
CA PHE A 35 5.94 7.49 7.30
C PHE A 35 7.01 8.12 8.21
N PRO A 36 7.67 9.18 7.74
CA PRO A 36 8.87 9.58 8.49
C PRO A 36 8.54 10.22 9.85
N ASN A 37 7.31 10.72 10.01
CA ASN A 37 6.89 11.33 11.28
C ASN A 37 5.39 11.26 11.56
N ASP A 38 5.01 11.71 12.75
CA ASP A 38 3.61 11.64 13.18
C ASP A 38 2.72 12.74 12.60
N LYS A 39 3.21 13.46 11.60
CA LYS A 39 2.42 14.52 10.95
C LYS A 39 1.62 13.91 9.79
N ILE A 40 1.00 12.77 10.08
CA ILE A 40 0.13 12.09 9.13
C ILE A 40 -1.29 12.14 9.69
N ASP A 41 -2.25 12.40 8.83
CA ASP A 41 -3.61 12.57 9.29
C ASP A 41 -4.56 11.64 8.54
N LEU A 42 -4.61 10.41 9.02
CA LEU A 42 -5.45 9.37 8.42
C LEU A 42 -6.92 9.61 8.73
N ASN A 43 -7.75 9.57 7.69
CA ASN A 43 -9.19 9.81 7.88
C ASN A 43 -10.12 8.83 7.15
N VAL A 44 -9.54 7.76 6.59
CA VAL A 44 -10.30 6.71 5.90
C VAL A 44 -9.89 5.37 6.52
N ASP A 45 -10.86 4.57 6.94
CA ASP A 45 -10.55 3.24 7.49
C ASP A 45 -10.58 2.24 6.33
N LEU A 46 -9.77 1.19 6.45
CA LEU A 46 -9.54 0.30 5.33
C LEU A 46 -9.69 -1.15 5.78
N PHE A 47 -10.56 -1.89 5.09
CA PHE A 47 -10.74 -3.31 5.34
C PHE A 47 -10.20 -4.05 4.14
N ILE A 48 -9.41 -5.10 4.40
CA ILE A 48 -8.80 -5.89 3.34
C ILE A 48 -8.87 -7.35 3.67
N SER A 49 -9.53 -8.10 2.80
CA SER A 49 -9.60 -9.55 2.93
C SER A 49 -8.90 -10.19 1.74
N PHE A 50 -7.81 -10.93 2.00
CA PHE A 50 -7.20 -11.70 0.92
C PHE A 50 -8.17 -12.81 0.52
N LYS A 51 -8.64 -13.55 1.50
CA LYS A 51 -9.67 -14.56 1.32
C LYS A 51 -10.31 -14.85 2.68
N ALA A 52 -11.39 -15.62 2.67
CA ALA A 52 -12.20 -15.81 3.87
C ALA A 52 -11.30 -16.11 5.05
N GLY A 53 -11.37 -15.24 6.05
CA GLY A 53 -10.61 -15.42 7.29
C GLY A 53 -9.18 -14.88 7.30
N LYS A 54 -8.67 -14.41 6.16
CA LYS A 54 -7.28 -13.87 6.09
C LYS A 54 -7.34 -12.39 5.77
N GLU A 55 -7.35 -11.59 6.83
CA GLU A 55 -7.54 -10.16 6.68
C GLU A 55 -6.34 -9.39 7.22
N VAL A 56 -6.19 -8.17 6.72
CA VAL A 56 -5.08 -7.27 7.06
C VAL A 56 -5.56 -6.38 8.23
N ASN A 57 -4.95 -6.58 9.39
CA ASN A 57 -5.40 -5.92 10.61
C ASN A 57 -4.29 -5.38 11.50
N HIS A 58 -3.72 -4.24 11.10
CA HIS A 58 -2.79 -3.49 11.94
C HIS A 58 -1.62 -4.35 12.43
N GLY A 59 -0.96 -5.02 11.49
CA GLY A 59 0.32 -5.68 11.76
C GLY A 59 0.22 -7.14 12.17
N ASN A 60 -0.98 -7.72 12.07
CA ASN A 60 -1.12 -9.16 12.31
C ASN A 60 -0.26 -9.94 11.32
N VAL A 61 0.24 -11.08 11.79
CA VAL A 61 1.01 -11.99 10.95
C VAL A 61 0.08 -12.81 10.07
N LEU A 62 0.30 -12.74 8.76
CA LEU A 62 -0.38 -13.63 7.82
C LEU A 62 0.59 -14.64 7.17
N ASP A 63 0.13 -15.88 6.97
CA ASP A 63 0.88 -16.90 6.19
C ASP A 63 0.95 -16.40 4.75
N ILE A 64 2.13 -16.51 4.14
CA ILE A 64 2.27 -16.12 2.73
C ILE A 64 1.32 -16.92 1.81
N ALA A 65 0.92 -18.10 2.28
CA ALA A 65 0.07 -19.01 1.51
C ALA A 65 -1.25 -18.36 1.10
N GLY A 66 -1.74 -17.39 1.85
CA GLY A 66 -3.06 -16.80 1.49
C GLY A 66 -3.06 -15.57 0.59
N THR A 67 -1.87 -15.14 0.17
CA THR A 67 -1.69 -13.76 -0.31
C THR A 67 -1.22 -13.64 -1.78
N GLY A 68 -1.23 -14.76 -2.50
CA GLY A 68 -0.71 -14.80 -3.87
C GLY A 68 -1.54 -14.05 -4.90
N SER A 69 -2.84 -13.89 -4.61
CA SER A 69 -3.75 -13.21 -5.54
C SER A 69 -4.17 -11.85 -4.97
N VAL A 70 -4.61 -10.96 -5.85
CA VAL A 70 -5.12 -9.66 -5.38
C VAL A 70 -6.21 -9.90 -4.28
N PRO A 71 -6.24 -9.06 -3.22
CA PRO A 71 -7.28 -9.26 -2.19
C PRO A 71 -8.69 -9.40 -2.78
N ARG A 72 -9.44 -10.38 -2.29
CA ARG A 72 -10.77 -10.67 -2.82
C ARG A 72 -11.72 -9.50 -2.57
N ASN A 73 -11.52 -8.82 -1.44
CA ASN A 73 -12.41 -7.72 -1.11
C ASN A 73 -11.69 -6.64 -0.31
N ILE A 74 -11.86 -5.40 -0.74
CA ILE A 74 -11.34 -4.21 -0.03
C ILE A 74 -12.46 -3.19 0.08
N LYS A 75 -12.62 -2.64 1.28
CA LYS A 75 -13.60 -1.58 1.52
C LYS A 75 -12.95 -0.36 2.16
N PHE A 76 -13.44 0.81 1.76
CA PHE A 76 -13.04 2.09 2.32
C PHE A 76 -14.23 2.59 3.12
N SER A 77 -13.99 3.11 4.32
CA SER A 77 -15.08 3.56 5.20
C SER A 77 -15.82 4.83 4.71
N GLU A 78 -15.19 5.53 3.77
CA GLU A 78 -15.71 6.79 3.22
C GLU A 78 -15.40 6.86 1.72
N GLU A 79 -16.24 7.56 0.97
CA GLU A 79 -15.86 7.98 -0.38
C GLU A 79 -14.83 9.12 -0.32
N PRO A 80 -14.05 9.29 -1.40
CA PRO A 80 -13.14 10.45 -1.43
C PRO A 80 -13.96 11.74 -1.49
N PRO A 81 -13.33 12.87 -1.13
CA PRO A 81 -13.96 14.19 -1.32
C PRO A 81 -14.36 14.44 -2.77
N ASP A 82 -15.40 15.25 -2.95
CA ASP A 82 -15.82 15.66 -4.27
C ASP A 82 -14.62 16.20 -5.02
N GLY A 83 -14.46 15.75 -6.26
CA GLY A 83 -13.35 16.21 -7.10
C GLY A 83 -12.07 15.38 -7.00
N TYR A 84 -12.10 14.42 -6.08
CA TYR A 84 -10.92 13.59 -5.80
C TYR A 84 -11.19 12.10 -5.98
N CYS A 85 -10.12 11.34 -6.18
CA CYS A 85 -10.23 9.89 -6.09
CA CYS A 85 -10.13 9.87 -6.22
C CYS A 85 -9.13 9.34 -5.20
N PHE A 86 -9.36 8.12 -4.71
CA PHE A 86 -8.35 7.39 -3.95
C PHE A 86 -7.35 6.75 -4.91
N VAL A 87 -6.09 6.74 -4.48
CA VAL A 87 -5.06 5.89 -5.06
C VAL A 87 -4.70 4.90 -3.98
N LEU A 88 -4.67 3.62 -4.36
CA LEU A 88 -4.26 2.55 -3.46
C LEU A 88 -2.91 2.01 -3.91
N PHE A 89 -1.97 1.93 -2.97
CA PHE A 89 -0.67 1.32 -3.22
C PHE A 89 -0.57 0.06 -2.33
N MET A 90 -0.07 -1.05 -2.87
CA MET A 90 0.46 -2.09 -1.97
C MET A 90 1.95 -2.10 -2.15
N VAL A 91 2.67 -1.98 -1.04
CA VAL A 91 4.14 -1.88 -1.07
CA VAL A 91 4.13 -1.84 -1.06
C VAL A 91 4.77 -2.70 0.02
N ASP A 92 5.91 -3.32 -0.32
CA ASP A 92 6.75 -4.00 0.67
C ASP A 92 7.89 -3.04 1.05
N PRO A 93 7.86 -2.48 2.26
CA PRO A 93 8.91 -1.49 2.62
C PRO A 93 10.16 -2.20 3.18
N ASP A 94 10.18 -3.53 3.11
CA ASP A 94 11.25 -4.33 3.73
C ASP A 94 12.00 -5.16 2.70
N TYR A 95 12.33 -4.49 1.61
CA TYR A 95 12.99 -5.18 0.48
C TYR A 95 14.45 -4.74 0.38
N PRO A 96 15.40 -5.70 0.37
CA PRO A 96 15.23 -7.15 0.37
C PRO A 96 14.88 -7.82 1.70
N SER A 97 15.18 -7.14 2.81
CA SER A 97 14.97 -7.76 4.13
C SER A 97 14.49 -6.79 5.19
N ARG A 98 13.61 -7.29 6.06
CA ARG A 98 13.21 -6.58 7.31
C ARG A 98 14.43 -6.38 8.25
N LEU A 99 15.40 -7.28 8.13
CA LEU A 99 16.42 -7.48 9.13
C LEU A 99 17.71 -6.70 8.88
N ARG A 100 17.79 -6.06 7.71
CA ARG A 100 18.97 -5.31 7.27
C ARG A 100 18.58 -3.84 7.00
N PRO A 101 19.48 -2.90 7.35
CA PRO A 101 19.15 -1.47 7.30
C PRO A 101 19.03 -0.88 5.88
N ASP A 102 19.50 -1.59 4.86
CA ASP A 102 19.32 -1.13 3.46
C ASP A 102 17.87 -1.32 2.91
N GLY A 103 16.95 -1.79 3.76
CA GLY A 103 15.56 -2.08 3.32
C GLY A 103 14.87 -0.89 2.67
N LYS A 104 14.33 -1.12 1.47
CA LYS A 104 13.61 -0.08 0.74
C LYS A 104 12.29 -0.62 0.21
N GLU A 105 11.50 0.27 -0.39
CA GLU A 105 10.16 -0.09 -0.84
C GLU A 105 10.14 -0.70 -2.24
N TYR A 106 9.37 -1.78 -2.35
CA TYR A 106 9.10 -2.46 -3.61
C TYR A 106 7.60 -2.37 -3.82
N ILE A 107 7.16 -1.75 -4.93
CA ILE A 107 5.75 -1.50 -5.13
C ILE A 107 5.12 -2.70 -5.83
N HIS A 108 4.08 -3.25 -5.20
CA HIS A 108 3.35 -4.42 -5.69
C HIS A 108 2.05 -4.16 -6.46
N TRP A 109 1.46 -2.97 -6.32
CA TRP A 109 0.13 -2.74 -6.86
C TRP A 109 -0.18 -1.26 -6.74
N VAL A 110 -0.65 -0.65 -7.82
CA VAL A 110 -1.15 0.73 -7.74
C VAL A 110 -2.44 0.80 -8.55
N VAL A 111 -3.50 1.21 -7.86
CA VAL A 111 -4.82 1.43 -8.48
C VAL A 111 -5.26 2.85 -8.20
N SER A 112 -5.64 3.56 -9.26
CA SER A 112 -6.15 4.91 -9.11
C SER A 112 -7.59 5.04 -9.63
N GLY A 113 -8.12 6.26 -9.57
CA GLY A 113 -9.45 6.52 -10.11
C GLY A 113 -10.58 5.97 -9.26
N ILE A 114 -10.27 5.65 -8.01
CA ILE A 114 -11.25 5.07 -7.07
C ILE A 114 -12.23 6.09 -6.48
N LYS A 115 -13.49 5.98 -6.89
CA LYS A 115 -14.53 6.88 -6.38
C LYS A 115 -15.53 6.22 -5.44
N THR A 116 -15.61 4.90 -5.49
CA THR A 116 -16.59 4.21 -4.68
C THR A 116 -15.92 3.27 -3.67
N LYS A 117 -16.71 2.75 -2.74
CA LYS A 117 -16.16 2.18 -1.50
C LYS A 117 -15.70 0.72 -1.51
N GLU A 118 -15.95 -0.02 -2.58
CA GLU A 118 -15.62 -1.45 -2.60
C GLU A 118 -14.81 -1.82 -3.83
N LEU A 119 -13.73 -2.57 -3.59
CA LEU A 119 -12.97 -3.21 -4.66
C LEU A 119 -13.18 -4.71 -4.55
N ILE A 120 -13.65 -5.32 -5.64
CA ILE A 120 -13.90 -6.76 -5.65
C ILE A 120 -12.85 -7.38 -6.54
N LYS A 121 -12.05 -8.27 -5.96
CA LYS A 121 -10.93 -8.88 -6.66
C LYS A 121 -10.13 -7.80 -7.43
N GLY A 122 -9.88 -6.71 -6.72
CA GLY A 122 -8.99 -5.64 -7.17
C GLY A 122 -9.51 -4.54 -8.06
N THR A 123 -10.80 -4.55 -8.40
CA THR A 123 -11.32 -3.54 -9.33
C THR A 123 -12.68 -3.01 -8.93
N GLN A 124 -13.07 -1.91 -9.54
CA GLN A 124 -14.44 -1.39 -9.46
C GLN A 124 -14.65 -0.58 -10.73
N LYS A 125 -15.90 -0.26 -11.04
CA LYS A 125 -16.18 0.56 -12.21
C LYS A 125 -15.34 1.83 -12.17
N ASN A 126 -14.70 2.14 -13.28
CA ASN A 126 -13.92 3.37 -13.50
C ASN A 126 -12.54 3.41 -12.84
N CYS A 127 -12.17 2.38 -12.12
CA CYS A 127 -10.82 2.38 -11.57
C CYS A 127 -9.81 2.26 -12.72
N VAL A 128 -8.58 2.71 -12.45
CA VAL A 128 -7.48 2.60 -13.39
C VAL A 128 -6.35 1.86 -12.65
N THR A 129 -6.01 0.67 -13.14
CA THR A 129 -4.91 -0.09 -12.56
C THR A 129 -3.62 0.38 -13.22
N ILE A 130 -2.83 1.14 -12.47
CA ILE A 130 -1.59 1.69 -12.98
C ILE A 130 -0.45 0.67 -12.98
N LEU A 131 -0.28 -0.02 -11.85
CA LEU A 131 0.66 -1.13 -11.75
C LEU A 131 -0.11 -2.37 -11.29
N PRO A 132 -0.10 -3.45 -12.08
CA PRO A 132 -0.93 -4.61 -11.75
C PRO A 132 -0.44 -5.33 -10.49
N TYR A 133 -1.33 -6.06 -9.84
CA TYR A 133 -1.01 -6.75 -8.61
C TYR A 133 0.03 -7.84 -8.83
N VAL A 134 1.07 -7.82 -8.01
CA VAL A 134 2.05 -8.91 -7.95
C VAL A 134 2.12 -9.33 -6.47
N GLY A 135 2.03 -10.64 -6.21
CA GLY A 135 2.04 -11.12 -4.82
C GLY A 135 3.32 -10.74 -4.06
N PRO A 136 3.29 -10.82 -2.71
CA PRO A 136 4.46 -10.45 -1.88
C PRO A 136 5.82 -10.99 -2.33
N SER A 137 5.91 -12.25 -2.78
CA SER A 137 7.17 -12.81 -3.32
C SER A 137 8.37 -12.60 -2.38
N ILE A 138 8.19 -12.99 -1.13
CA ILE A 138 9.14 -12.71 -0.07
C ILE A 138 10.21 -13.79 0.00
N LYS A 139 11.49 -13.38 0.05
CA LYS A 139 12.59 -14.34 0.16
C LYS A 139 12.61 -14.91 1.57
N LYS A 140 12.60 -16.24 1.66
CA LYS A 140 12.68 -16.89 2.96
C LYS A 140 13.89 -16.41 3.80
N GLY A 141 13.66 -16.24 5.10
CA GLY A 141 14.73 -15.86 6.04
C GLY A 141 15.13 -14.40 5.97
N THR A 142 14.16 -13.54 5.59
CA THR A 142 14.40 -12.09 5.55
C THR A 142 13.43 -11.32 6.47
N GLY A 143 13.03 -11.98 7.55
CA GLY A 143 12.19 -11.38 8.58
C GLY A 143 10.74 -11.17 8.15
N LEU A 144 9.98 -10.50 9.01
CA LEU A 144 8.57 -10.20 8.78
C LEU A 144 8.44 -8.89 7.98
N HIS A 145 8.15 -9.01 6.69
CA HIS A 145 7.95 -7.82 5.87
C HIS A 145 6.61 -7.14 6.22
N ARG A 146 6.63 -5.82 6.35
CA ARG A 146 5.45 -5.06 6.77
C ARG A 146 4.67 -4.65 5.53
N ILE A 147 4.04 -5.64 4.92
CA ILE A 147 3.29 -5.44 3.66
C ILE A 147 2.19 -4.40 3.93
N SER A 148 2.24 -3.32 3.14
CA SER A 148 1.53 -2.07 3.43
C SER A 148 0.51 -1.68 2.38
N PHE A 149 -0.66 -1.21 2.81
CA PHE A 149 -1.67 -0.69 1.91
C PHE A 149 -1.85 0.79 2.26
N ILE A 150 -1.47 1.65 1.33
CA ILE A 150 -1.47 3.09 1.57
C ILE A 150 -2.49 3.71 0.63
N ILE A 151 -3.38 4.53 1.18
CA ILE A 151 -4.37 5.23 0.37
C ILE A 151 -4.02 6.72 0.35
N SER A 152 -3.98 7.30 -0.84
CA SER A 152 -3.75 8.75 -0.97
C SER A 152 -4.85 9.36 -1.84
N LEU A 153 -4.91 10.70 -1.87
CA LEU A 153 -5.96 11.41 -2.63
C LEU A 153 -5.40 12.15 -3.81
N ILE A 154 -6.00 11.95 -4.99
CA ILE A 154 -5.55 12.61 -6.20
C ILE A 154 -6.74 13.29 -6.88
N LYS A 155 -6.50 14.48 -7.43
CA LYS A 155 -7.55 15.17 -8.17
C LYS A 155 -8.00 14.31 -9.34
N GLU A 156 -9.32 14.26 -9.55
CA GLU A 156 -9.92 13.54 -10.66
C GLU A 156 -9.14 13.68 -11.97
N GLU A 157 -8.75 14.91 -12.31
CA GLU A 157 -8.05 15.20 -13.58
C GLU A 157 -6.69 14.53 -13.72
N ASP A 158 -6.08 14.20 -12.59
CA ASP A 158 -4.72 13.64 -12.57
C ASP A 158 -4.68 12.15 -12.24
N LYS A 159 -5.86 11.52 -12.16
CA LYS A 159 -5.97 10.10 -11.78
C LYS A 159 -5.10 9.16 -12.62
N ASP A 160 -4.77 9.56 -13.84
CA ASP A 160 -4.01 8.73 -14.75
C ASP A 160 -2.59 9.27 -15.00
N ASN A 161 -2.16 10.22 -14.19
CA ASN A 161 -0.85 10.83 -14.34
CA ASN A 161 -0.81 10.77 -14.34
C ASN A 161 -0.06 10.96 -13.02
N ILE A 162 0.25 9.81 -12.40
CA ILE A 162 1.10 9.75 -11.21
C ILE A 162 2.57 9.56 -11.62
N THR A 163 3.40 10.54 -11.25
CA THR A 163 4.81 10.56 -11.58
C THR A 163 5.63 9.96 -10.44
N GLY A 164 6.79 9.43 -10.76
CA GLY A 164 7.72 8.89 -9.75
C GLY A 164 7.54 7.41 -9.43
N LEU A 165 6.71 6.71 -10.21
CA LEU A 165 6.49 5.29 -9.97
C LEU A 165 7.61 4.45 -10.60
N PRO A 166 7.90 3.27 -10.02
CA PRO A 166 8.93 2.41 -10.59
C PRO A 166 8.37 1.66 -11.80
N HIS A 167 9.25 1.27 -12.70
CA HIS A 167 8.85 0.37 -13.79
C HIS A 167 9.88 -0.78 -13.84
N TYR A 168 9.72 -1.75 -12.95
CA TYR A 168 10.73 -2.81 -12.78
C TYR A 168 11.04 -3.58 -14.06
N GLY A 170 12.03 -6.62 -14.46
CA GLY A 170 12.27 -8.03 -14.15
C GLY A 170 11.36 -8.57 -13.04
N GLU A 171 11.93 -9.38 -12.15
CA GLU A 171 11.20 -10.06 -11.06
C GLU A 171 11.84 -9.78 -9.72
N LYS A 172 11.00 -9.57 -8.71
CA LYS A 172 11.46 -9.24 -7.37
C LYS A 172 12.50 -10.28 -6.92
N TYR A 173 13.63 -9.77 -6.42
CA TYR A 173 14.81 -10.58 -5.99
C TYR A 173 15.65 -11.18 -7.12
N ILE A 174 15.01 -11.54 -8.22
CA ILE A 174 15.74 -12.22 -9.31
C ILE A 174 16.64 -11.25 -10.06
N THR A 175 16.10 -10.08 -10.32
CA THR A 175 16.79 -8.99 -11.02
C THR A 175 17.08 -7.87 -10.03
N ARG A 176 18.27 -7.28 -10.17
CA ARG A 176 18.68 -6.15 -9.34
C ARG A 176 17.80 -4.93 -9.62
N VAL A 177 17.18 -4.38 -8.57
CA VAL A 177 16.39 -3.15 -8.72
C VAL A 177 17.33 -1.95 -8.83
N LYS A 178 17.10 -1.11 -9.84
CA LYS A 178 17.85 0.14 -9.98
C LYS A 178 17.16 1.19 -9.10
N PHE A 179 17.90 1.77 -8.16
CA PHE A 179 17.30 2.74 -7.24
C PHE A 179 17.60 4.20 -7.58
N ASN A 180 18.14 4.44 -8.79
CA ASN A 180 18.52 5.79 -9.25
C ASN A 180 17.37 6.77 -9.08
N ASN A 181 16.19 6.39 -9.60
CA ASN A 181 14.99 7.22 -9.55
C ASN A 181 14.01 6.76 -8.46
N TYR A 182 14.55 6.09 -7.45
CA TYR A 182 13.75 5.59 -6.32
C TYR A 182 12.99 6.71 -5.63
N GLU A 183 11.70 6.50 -5.38
CA GLU A 183 10.92 7.39 -4.52
C GLU A 183 10.02 6.57 -3.62
N SER A 184 10.14 6.78 -2.31
CA SER A 184 9.23 6.15 -1.36
C SER A 184 7.80 6.63 -1.61
N VAL A 185 6.80 5.84 -1.20
CA VAL A 185 5.42 6.30 -1.34
C VAL A 185 5.19 7.67 -0.66
N HIS A 186 5.81 7.89 0.53
CA HIS A 186 5.76 9.21 1.15
C HIS A 186 6.18 10.29 0.14
N ASN A 187 7.31 10.08 -0.53
CA ASN A 187 7.82 11.03 -1.53
C ASN A 187 7.02 11.11 -2.84
N ILE A 188 6.55 9.96 -3.32
CA ILE A 188 5.58 9.96 -4.43
C ILE A 188 4.36 10.82 -4.10
N ALA A 189 3.82 10.68 -2.87
CA ALA A 189 2.67 11.48 -2.47
C ALA A 189 3.01 12.98 -2.46
N GLN A 190 4.22 13.32 -2.00
CA GLN A 190 4.61 14.74 -1.99
C GLN A 190 4.72 15.29 -3.40
N ILE A 191 5.39 14.54 -4.27
CA ILE A 191 5.64 14.95 -5.65
C ILE A 191 4.33 15.21 -6.38
N ASN A 192 3.36 14.34 -6.12
CA ASN A 192 2.06 14.41 -6.79
C ASN A 192 0.99 15.22 -6.02
N ASN A 193 1.38 15.90 -4.94
CA ASN A 193 0.46 16.69 -4.12
C ASN A 193 -0.76 15.90 -3.69
N MET A 194 -0.50 14.69 -3.18
CA MET A 194 -1.53 13.78 -2.69
C MET A 194 -1.44 13.62 -1.18
N LYS A 195 -2.52 13.96 -0.49
CA LYS A 195 -2.60 13.69 0.92
C LYS A 195 -2.66 12.18 1.13
N ILE A 196 -1.87 11.68 2.07
CA ILE A 196 -2.04 10.30 2.52
C ILE A 196 -3.20 10.23 3.51
N VAL A 197 -4.21 9.43 3.20
CA VAL A 197 -5.47 9.44 4.00
C VAL A 197 -5.85 8.12 4.69
N GLY A 198 -5.25 7.00 4.30
CA GLY A 198 -5.58 5.73 4.95
C GLY A 198 -4.41 4.75 4.90
N TYR A 199 -4.41 3.82 5.83
CA TYR A 199 -3.31 2.87 5.90
C TYR A 199 -3.67 1.61 6.66
N ASN A 200 -3.23 0.49 6.11
CA ASN A 200 -3.29 -0.75 6.86
C ASN A 200 -2.09 -1.60 6.50
N TRP A 201 -1.77 -2.55 7.37
CA TRP A 201 -0.60 -3.41 7.12
C TRP A 201 -0.71 -4.77 7.79
N CYS A 202 0.11 -5.70 7.32
CA CYS A 202 0.24 -6.99 7.99
C CYS A 202 1.72 -7.32 7.93
N GLN A 203 2.10 -8.44 8.53
CA GLN A 203 3.50 -8.87 8.52
C GLN A 203 3.57 -10.29 7.96
N ILE A 204 4.43 -10.48 6.96
CA ILE A 204 4.58 -11.77 6.30
C ILE A 204 6.06 -12.14 6.19
N GLU A 205 6.41 -13.37 6.59
CA GLU A 205 7.79 -13.84 6.42
C GLU A 205 7.89 -14.94 5.36
#